data_8AFB
#
_entry.id   8AFB
#
_cell.length_a   68.675
_cell.length_b   40.513
_cell.length_c   56.472
_cell.angle_alpha   90.000
_cell.angle_beta   95.670
_cell.angle_gamma   90.000
#
_symmetry.space_group_name_H-M   'C 1 2 1'
#
loop_
_entity.id
_entity.type
_entity.pdbx_description
1 polymer 'GTPase KRas'
2 non-polymer "GUANOSINE-5'-DIPHOSPHATE"
3 non-polymer 'MAGNESIUM ION'
4 non-polymer (4~{S})-2-azanyl-4-[3-[6-[(2~{S})-2,4-dimethylpiperazin-1-yl]-4-(4-prop-2-enoylpiperazin-1-yl)pyridin-2-yl]-1,2,4-oxadiazol-5-yl]-4-methyl-6,7-dihydro-5~{H}-1-benzothiophene-3-carbonitrile
5 water water
#
_entity_poly.entity_id   1
_entity_poly.type   'polypeptide(L)'
_entity_poly.pdbx_seq_one_letter_code
;GMTEYKLVVVGACGVGKSALTIQLIQNHFVDEYDPTIEDSYRKQVVIDGETCLLDILDTAGQEEYSAMRDQYMRTGEGFL
CVFAINNTKSFEDIHHYREQIKRVKDSEDVPMVLVGNKSDLPSRTVDTKQAQDLARSYGIPFIETSAKTRQGVDDAFYTL
VREIRKHKEK
;
_entity_poly.pdbx_strand_id   A
#
loop_
_chem_comp.id
_chem_comp.type
_chem_comp.name
_chem_comp.formula
GDP RNA linking GUANOSINE-5'-DIPHOSPHATE 'C10 H15 N5 O11 P2'
LXD non-polymer (4~{S})-2-azanyl-4-[3-[6-[(2~{S})-2,4-dimethylpiperazin-1-yl]-4-(4-prop-2-enoylpiperazin-1-yl)pyridin-2-yl]-1,2,4-oxadiazol-5-yl]-4-methyl-6,7-dihydro-5~{H}-1-benzothiophene-3-carbonitrile 'C30 H37 N9 O2 S'
MG non-polymer 'MAGNESIUM ION' 'Mg 2'
#
# COMPACT_ATOMS: atom_id res chain seq x y z
N THR A 3 3.28 -15.13 13.64
CA THR A 3 2.01 -14.40 13.58
C THR A 3 1.83 -13.88 12.18
N GLU A 4 0.71 -14.24 11.55
CA GLU A 4 0.50 -13.82 10.17
C GLU A 4 -0.25 -12.50 10.05
N TYR A 5 0.19 -11.64 9.14
CA TYR A 5 -0.50 -10.40 8.82
C TYR A 5 -0.73 -10.40 7.33
N LYS A 6 -1.99 -10.25 6.91
CA LYS A 6 -2.37 -10.24 5.50
C LYS A 6 -2.48 -8.78 5.07
N LEU A 7 -1.56 -8.34 4.23
CA LEU A 7 -1.47 -6.96 3.78
C LEU A 7 -1.81 -6.90 2.32
N VAL A 8 -2.43 -5.80 1.89
CA VAL A 8 -2.81 -5.61 0.49
C VAL A 8 -2.27 -4.28 0.04
N VAL A 9 -1.64 -4.22 -1.12
CA VAL A 9 -1.06 -3.01 -1.67
C VAL A 9 -1.93 -2.59 -2.82
N VAL A 10 -2.58 -1.42 -2.70
CA VAL A 10 -3.50 -0.92 -3.70
C VAL A 10 -3.11 0.47 -4.20
N GLY A 11 -3.73 0.88 -5.30
CA GLY A 11 -3.49 2.17 -5.90
C GLY A 11 -3.41 2.03 -7.40
N ALA A 12 -3.35 3.17 -8.08
CA ALA A 12 -3.32 3.15 -9.55
C ALA A 12 -2.16 2.36 -10.08
N CYS A 13 -2.33 1.75 -11.25
CA CYS A 13 -1.18 1.07 -11.80
C CYS A 13 -0.14 2.12 -12.20
N GLY A 14 1.11 1.76 -12.00
CA GLY A 14 2.24 2.63 -12.31
C GLY A 14 2.79 3.42 -11.14
N VAL A 15 2.19 3.31 -9.95
CA VAL A 15 2.65 4.05 -8.79
C VAL A 15 3.83 3.42 -8.08
N GLY A 16 4.06 2.12 -8.32
CA GLY A 16 5.16 1.41 -7.66
C GLY A 16 4.73 0.36 -6.65
N LYS A 17 3.47 -0.15 -6.75
CA LYS A 17 3.02 -1.20 -5.83
CA LYS A 17 3.00 -1.20 -5.85
C LYS A 17 3.95 -2.40 -5.88
N SER A 18 4.28 -2.87 -7.10
CA SER A 18 5.16 -4.03 -7.23
C SER A 18 6.56 -3.73 -6.76
N ALA A 19 7.10 -2.57 -7.15
CA ALA A 19 8.46 -2.23 -6.72
C ALA A 19 8.58 -2.12 -5.20
N LEU A 20 7.55 -1.57 -4.54
CA LEU A 20 7.57 -1.49 -3.08
C LEU A 20 7.54 -2.87 -2.45
N THR A 21 6.67 -3.73 -2.98
CA THR A 21 6.53 -5.07 -2.43
C THR A 21 7.83 -5.85 -2.60
N ILE A 22 8.46 -5.75 -3.78
CA ILE A 22 9.71 -6.46 -4.01
C ILE A 22 10.84 -5.93 -3.13
N GLN A 23 10.87 -4.62 -2.86
CA GLN A 23 11.89 -4.10 -1.96
C GLN A 23 11.71 -4.69 -0.60
N LEU A 24 10.47 -4.77 -0.12
CA LEU A 24 10.27 -5.35 1.19
C LEU A 24 10.70 -6.80 1.24
N ILE A 25 10.27 -7.58 0.25
CA ILE A 25 10.49 -9.02 0.26
C ILE A 25 11.93 -9.40 -0.03
N GLN A 26 12.51 -8.83 -1.09
CA GLN A 26 13.82 -9.20 -1.62
C GLN A 26 14.96 -8.23 -1.38
N ASN A 27 14.65 -7.04 -0.85
CA ASN A 27 15.64 -6.02 -0.50
C ASN A 27 16.42 -5.47 -1.70
N HIS A 28 15.76 -5.43 -2.86
CA HIS A 28 16.36 -4.79 -4.01
C HIS A 28 15.31 -4.11 -4.86
N PHE A 29 15.75 -3.17 -5.68
CA PHE A 29 14.86 -2.44 -6.55
C PHE A 29 14.69 -3.17 -7.87
N VAL A 30 13.43 -3.41 -8.24
CA VAL A 30 13.06 -4.00 -9.52
C VAL A 30 12.29 -2.91 -10.24
N ASP A 31 12.94 -2.28 -11.24
CA ASP A 31 12.36 -1.18 -12.00
C ASP A 31 11.37 -1.63 -13.07
N GLU A 32 11.26 -2.95 -13.32
CA GLU A 32 10.42 -3.46 -14.37
C GLU A 32 9.76 -4.71 -13.89
N TYR A 33 8.43 -4.68 -13.79
CA TYR A 33 7.67 -5.85 -13.33
C TYR A 33 6.33 -5.77 -14.01
N ASP A 34 5.98 -6.82 -14.74
CA ASP A 34 4.77 -6.86 -15.55
C ASP A 34 3.60 -6.25 -14.77
N PRO A 35 2.97 -5.17 -15.31
CA PRO A 35 1.91 -4.47 -14.58
C PRO A 35 0.64 -5.27 -14.41
N THR A 36 0.55 -6.43 -15.07
CA THR A 36 -0.63 -7.30 -14.99
C THR A 36 -0.46 -8.41 -13.98
N ILE A 37 0.75 -8.58 -13.38
CA ILE A 37 0.95 -9.67 -12.43
C ILE A 37 0.41 -9.29 -11.07
N GLU A 38 -0.55 -10.07 -10.59
CA GLU A 38 -1.17 -9.91 -9.28
C GLU A 38 -0.90 -11.20 -8.54
N ASP A 39 -0.27 -11.12 -7.39
CA ASP A 39 0.02 -12.30 -6.60
C ASP A 39 0.27 -11.95 -5.16
N SER A 40 0.28 -12.99 -4.31
CA SER A 40 0.59 -12.87 -2.90
C SER A 40 2.02 -13.35 -2.69
N TYR A 41 2.80 -12.58 -1.93
CA TYR A 41 4.20 -12.90 -1.65
C TYR A 41 4.38 -12.93 -0.15
N ARG A 42 5.16 -13.91 0.34
CA ARG A 42 5.36 -14.09 1.77
C ARG A 42 6.73 -13.68 2.23
N LYS A 43 6.80 -13.09 3.42
CA LYS A 43 8.05 -12.68 4.02
C LYS A 43 8.06 -12.87 5.52
N GLN A 44 9.05 -13.59 6.03
CA GLN A 44 9.22 -13.75 7.46
C GLN A 44 10.09 -12.58 7.92
N VAL A 45 9.63 -11.84 8.91
CA VAL A 45 10.37 -10.68 9.40
C VAL A 45 10.09 -10.49 10.88
N VAL A 46 11.02 -9.85 11.59
CA VAL A 46 10.86 -9.54 13.01
C VAL A 46 10.43 -8.08 13.11
N ILE A 47 9.27 -7.83 13.76
CA ILE A 47 8.74 -6.47 13.93
C ILE A 47 8.44 -6.32 15.39
N ASP A 48 9.13 -5.36 16.03
CA ASP A 48 9.02 -5.06 17.47
C ASP A 48 9.15 -6.35 18.33
N GLY A 49 10.09 -7.22 17.96
CA GLY A 49 10.36 -8.48 18.64
C GLY A 49 9.47 -9.66 18.28
N GLU A 50 8.38 -9.42 17.52
CA GLU A 50 7.44 -10.47 17.09
C GLU A 50 7.89 -11.06 15.77
N THR A 51 7.92 -12.41 15.65
CA THR A 51 8.29 -13.08 14.39
C THR A 51 7.02 -13.17 13.59
N CYS A 52 7.00 -12.38 12.53
CA CYS A 52 5.85 -12.21 11.66
C CYS A 52 5.99 -12.92 10.37
N LEU A 53 4.85 -13.36 9.85
CA LEU A 53 4.74 -13.82 8.49
C LEU A 53 3.87 -12.80 7.80
N LEU A 54 4.45 -12.05 6.89
CA LEU A 54 3.69 -11.10 6.11
C LEU A 54 3.25 -11.75 4.82
N ASP A 55 1.96 -11.76 4.54
CA ASP A 55 1.43 -12.31 3.29
C ASP A 55 0.93 -11.09 2.53
N ILE A 56 1.67 -10.64 1.53
CA ILE A 56 1.37 -9.40 0.86
C ILE A 56 0.76 -9.62 -0.49
N LEU A 57 -0.45 -9.10 -0.68
CA LEU A 57 -1.11 -9.17 -1.98
C LEU A 57 -0.79 -7.88 -2.73
N ASP A 58 -0.02 -8.02 -3.82
CA ASP A 58 0.37 -6.92 -4.69
C ASP A 58 -0.68 -6.90 -5.82
N THR A 59 -1.59 -5.91 -5.77
CA THR A 59 -2.72 -5.90 -6.70
C THR A 59 -2.40 -5.40 -8.10
N ALA A 60 -3.12 -5.97 -9.06
CA ALA A 60 -3.10 -5.56 -10.45
C ALA A 60 -4.55 -5.84 -10.92
N GLY A 61 -4.78 -6.92 -11.67
CA GLY A 61 -6.13 -7.30 -12.10
C GLY A 61 -6.87 -6.30 -12.96
N GLN A 62 -8.20 -6.39 -12.90
CA GLN A 62 -9.14 -5.51 -13.60
C GLN A 62 -9.97 -4.78 -12.57
N GLU A 63 -10.62 -3.69 -12.97
CA GLU A 63 -11.54 -3.01 -12.06
C GLU A 63 -12.81 -3.86 -12.19
N GLU A 64 -13.08 -4.68 -11.15
CA GLU A 64 -14.17 -5.65 -11.15
C GLU A 64 -14.83 -5.68 -9.77
N TYR A 65 -16.14 -5.39 -9.71
CA TYR A 65 -16.85 -5.37 -8.43
C TYR A 65 -17.72 -6.60 -8.28
N SER A 66 -17.13 -7.76 -8.56
CA SER A 66 -17.83 -9.03 -8.42
C SER A 66 -17.73 -9.49 -6.96
N ALA A 67 -18.59 -10.45 -6.55
CA ALA A 67 -18.53 -11.05 -5.22
C ALA A 67 -17.15 -11.74 -5.05
N MET A 68 -16.65 -12.39 -6.12
CA MET A 68 -15.37 -13.08 -6.08
C MET A 68 -14.22 -12.12 -5.73
N ARG A 69 -14.14 -10.97 -6.43
CA ARG A 69 -13.07 -10.02 -6.14
C ARG A 69 -13.24 -9.38 -4.77
N ASP A 70 -14.49 -9.07 -4.36
CA ASP A 70 -14.71 -8.52 -3.03
C ASP A 70 -14.28 -9.52 -1.96
N GLN A 71 -14.63 -10.80 -2.12
CA GLN A 71 -14.23 -11.81 -1.13
C GLN A 71 -12.71 -11.93 -1.03
N TYR A 72 -12.03 -11.83 -2.18
CA TYR A 72 -10.58 -11.91 -2.24
C TYR A 72 -9.94 -10.73 -1.49
N MET A 73 -10.45 -9.53 -1.70
CA MET A 73 -9.92 -8.33 -1.05
C MET A 73 -10.26 -8.28 0.42
N ARG A 74 -11.40 -8.88 0.80
CA ARG A 74 -11.89 -8.94 2.18
C ARG A 74 -10.92 -9.76 3.06
N THR A 75 -10.09 -10.63 2.44
CA THR A 75 -9.09 -11.41 3.19
C THR A 75 -8.00 -10.51 3.76
N GLY A 76 -7.82 -9.32 3.19
CA GLY A 76 -6.81 -8.39 3.66
C GLY A 76 -7.14 -7.81 5.02
N GLU A 77 -6.13 -7.68 5.86
CA GLU A 77 -6.27 -7.13 7.20
C GLU A 77 -5.86 -5.68 7.25
N GLY A 78 -4.95 -5.29 6.38
CA GLY A 78 -4.44 -3.94 6.33
C GLY A 78 -4.14 -3.59 4.90
N PHE A 79 -4.23 -2.30 4.56
CA PHE A 79 -4.05 -1.85 3.19
C PHE A 79 -3.10 -0.68 3.06
N LEU A 80 -2.14 -0.80 2.13
CA LEU A 80 -1.30 0.33 1.77
C LEU A 80 -1.97 0.98 0.58
N CYS A 81 -2.32 2.26 0.71
CA CYS A 81 -2.93 3.01 -0.38
C CYS A 81 -1.87 3.89 -0.98
N VAL A 82 -1.37 3.47 -2.15
CA VAL A 82 -0.21 4.09 -2.75
C VAL A 82 -0.53 5.02 -3.87
N PHE A 83 0.07 6.20 -3.88
CA PHE A 83 0.03 7.10 -5.03
C PHE A 83 1.49 7.46 -5.35
N ALA A 84 1.73 8.11 -6.50
CA ALA A 84 3.08 8.55 -6.84
C ALA A 84 3.10 10.07 -6.73
N ILE A 85 4.17 10.62 -6.15
CA ILE A 85 4.25 12.06 -5.88
C ILE A 85 4.30 12.93 -7.14
N ASN A 86 4.52 12.32 -8.31
CA ASN A 86 4.55 13.04 -9.58
C ASN A 86 3.35 12.69 -10.45
N ASN A 87 2.29 12.12 -9.84
CA ASN A 87 1.12 11.75 -10.59
C ASN A 87 -0.14 12.17 -9.82
N THR A 88 -0.68 13.36 -10.16
CA THR A 88 -1.87 13.88 -9.50
C THR A 88 -3.07 12.95 -9.59
N LYS A 89 -3.27 12.28 -10.73
CA LYS A 89 -4.38 11.35 -10.91
C LYS A 89 -4.35 10.23 -9.88
N SER A 90 -3.15 9.68 -9.63
CA SER A 90 -3.03 8.59 -8.66
C SER A 90 -3.42 9.05 -7.26
N PHE A 91 -3.12 10.30 -6.92
CA PHE A 91 -3.50 10.85 -5.62
C PHE A 91 -5.03 11.09 -5.57
N GLU A 92 -5.59 11.63 -6.66
CA GLU A 92 -7.03 11.89 -6.75
C GLU A 92 -7.86 10.59 -6.66
N ASP A 93 -7.24 9.46 -7.07
CA ASP A 93 -7.87 8.14 -7.02
C ASP A 93 -7.92 7.55 -5.62
N ILE A 94 -7.07 8.02 -4.68
CA ILE A 94 -6.99 7.43 -3.33
C ILE A 94 -8.35 7.31 -2.66
N HIS A 95 -9.17 8.37 -2.72
CA HIS A 95 -10.47 8.29 -2.04
C HIS A 95 -11.35 7.14 -2.57
N HIS A 96 -11.22 6.78 -3.86
CA HIS A 96 -12.00 5.66 -4.40
C HIS A 96 -11.52 4.34 -3.77
N TYR A 97 -10.20 4.15 -3.67
CA TYR A 97 -9.67 2.95 -3.03
C TYR A 97 -10.09 2.88 -1.56
N ARG A 98 -9.97 4.00 -0.82
CA ARG A 98 -10.37 4.04 0.58
C ARG A 98 -11.85 3.61 0.73
N GLU A 99 -12.71 4.12 -0.17
CA GLU A 99 -14.14 3.80 -0.06
CA GLU A 99 -14.14 3.83 -0.16
C GLU A 99 -14.43 2.35 -0.39
N GLN A 100 -13.70 1.72 -1.33
CA GLN A 100 -13.92 0.32 -1.63
C GLN A 100 -13.41 -0.60 -0.51
N ILE A 101 -12.32 -0.20 0.14
CA ILE A 101 -11.77 -0.93 1.29
C ILE A 101 -12.78 -0.89 2.42
N LYS A 102 -13.27 0.30 2.75
CA LYS A 102 -14.26 0.48 3.82
C LYS A 102 -15.49 -0.38 3.54
N ARG A 103 -15.95 -0.44 2.29
CA ARG A 103 -17.11 -1.24 1.91
C ARG A 103 -16.87 -2.74 2.11
N VAL A 104 -15.79 -3.29 1.55
CA VAL A 104 -15.56 -4.73 1.64
C VAL A 104 -15.22 -5.17 3.07
N LYS A 105 -14.53 -4.32 3.84
CA LYS A 105 -14.20 -4.67 5.23
C LYS A 105 -15.33 -4.31 6.19
N ASP A 106 -16.32 -3.51 5.70
CA ASP A 106 -17.48 -3.04 6.47
C ASP A 106 -17.01 -2.35 7.79
N SER A 107 -16.03 -1.43 7.67
CA SER A 107 -15.43 -0.75 8.81
C SER A 107 -14.94 0.65 8.48
N GLU A 108 -15.10 1.57 9.44
CA GLU A 108 -14.68 2.97 9.35
C GLU A 108 -13.20 3.14 9.76
N ASP A 109 -12.59 2.12 10.41
CA ASP A 109 -11.20 2.24 10.84
C ASP A 109 -10.32 1.06 10.40
N VAL A 110 -10.45 0.66 9.13
CA VAL A 110 -9.62 -0.42 8.57
C VAL A 110 -8.16 0.02 8.69
N PRO A 111 -7.23 -0.85 9.16
CA PRO A 111 -5.81 -0.47 9.18
C PRO A 111 -5.33 -0.10 7.77
N MET A 112 -4.84 1.11 7.64
CA MET A 112 -4.42 1.67 6.37
C MET A 112 -3.25 2.62 6.58
N VAL A 113 -2.42 2.75 5.54
CA VAL A 113 -1.37 3.76 5.53
C VAL A 113 -1.44 4.39 4.16
N LEU A 114 -1.34 5.72 4.09
CA LEU A 114 -1.26 6.46 2.84
C LEU A 114 0.22 6.54 2.49
N VAL A 115 0.58 6.07 1.27
CA VAL A 115 1.97 6.00 0.85
C VAL A 115 2.20 6.88 -0.36
N GLY A 116 3.12 7.84 -0.24
CA GLY A 116 3.51 8.68 -1.36
C GLY A 116 4.83 8.16 -1.88
N ASN A 117 4.76 7.39 -2.97
CA ASN A 117 5.94 6.76 -3.54
C ASN A 117 6.64 7.63 -4.59
N LYS A 118 7.85 7.20 -4.98
CA LYS A 118 8.73 7.88 -5.94
C LYS A 118 9.28 9.15 -5.32
N SER A 119 9.56 9.10 -4.00
CA SER A 119 10.09 10.27 -3.29
C SER A 119 11.52 10.62 -3.65
N ASP A 120 12.18 9.76 -4.41
CA ASP A 120 13.54 10.00 -4.91
C ASP A 120 13.52 11.00 -6.08
N LEU A 121 12.34 11.21 -6.71
CA LEU A 121 12.23 12.05 -7.90
C LEU A 121 12.27 13.52 -7.59
N PRO A 122 12.90 14.32 -8.46
CA PRO A 122 13.02 15.76 -8.17
C PRO A 122 11.82 16.63 -8.58
N SER A 123 10.91 16.14 -9.43
CA SER A 123 9.79 16.95 -9.93
C SER A 123 8.40 16.47 -9.52
N ARG A 124 8.00 16.83 -8.30
CA ARG A 124 6.71 16.42 -7.77
C ARG A 124 5.55 17.28 -8.25
N THR A 125 4.34 16.70 -8.23
CA THR A 125 3.12 17.42 -8.57
C THR A 125 2.12 17.38 -7.40
N VAL A 126 2.35 16.48 -6.42
CA VAL A 126 1.50 16.37 -5.23
C VAL A 126 2.36 16.75 -4.04
N ASP A 127 1.91 17.73 -3.24
CA ASP A 127 2.71 18.17 -2.10
C ASP A 127 2.48 17.37 -0.86
N THR A 128 3.53 17.25 -0.05
CA THR A 128 3.52 16.53 1.20
C THR A 128 2.40 17.08 2.09
N LYS A 129 2.20 18.42 2.13
CA LYS A 129 1.16 18.99 2.97
C LYS A 129 -0.23 18.47 2.62
N GLN A 130 -0.58 18.45 1.33
CA GLN A 130 -1.90 17.97 0.90
C GLN A 130 -2.05 16.47 1.23
N ALA A 131 -0.98 15.66 1.03
CA ALA A 131 -1.04 14.24 1.37
C ALA A 131 -1.13 14.02 2.89
N GLN A 132 -0.37 14.81 3.69
CA GLN A 132 -0.45 14.70 5.15
C GLN A 132 -1.84 15.05 5.61
N ASP A 133 -2.42 16.10 4.98
CA ASP A 133 -3.76 16.53 5.33
C ASP A 133 -4.81 15.49 4.98
N LEU A 134 -4.65 14.77 3.86
CA LEU A 134 -5.59 13.72 3.50
C LEU A 134 -5.49 12.57 4.49
N ALA A 135 -4.25 12.17 4.85
CA ALA A 135 -4.09 11.14 5.86
C ALA A 135 -4.74 11.59 7.19
N ARG A 136 -4.61 12.89 7.54
CA ARG A 136 -5.21 13.41 8.77
C ARG A 136 -6.72 13.32 8.70
N SER A 137 -7.32 13.63 7.53
CA SER A 137 -8.78 13.53 7.33
C SER A 137 -9.26 12.11 7.61
N TYR A 138 -8.48 11.09 7.19
CA TYR A 138 -8.78 9.68 7.42
C TYR A 138 -8.36 9.16 8.79
N GLY A 139 -7.51 9.91 9.48
CA GLY A 139 -6.96 9.49 10.78
C GLY A 139 -5.97 8.35 10.63
N ILE A 140 -5.18 8.40 9.57
CA ILE A 140 -4.20 7.36 9.28
C ILE A 140 -2.83 7.98 9.09
N PRO A 141 -1.75 7.18 9.15
CA PRO A 141 -0.43 7.74 8.90
C PRO A 141 -0.17 7.93 7.41
N PHE A 142 0.71 8.86 7.11
CA PHE A 142 1.23 9.11 5.78
C PHE A 142 2.72 8.83 5.82
N ILE A 143 3.21 7.98 4.88
CA ILE A 143 4.62 7.65 4.79
C ILE A 143 5.11 7.97 3.39
N GLU A 144 6.22 8.69 3.29
CA GLU A 144 6.91 8.99 2.03
C GLU A 144 7.86 7.84 1.72
N THR A 145 7.74 7.22 0.54
CA THR A 145 8.61 6.10 0.20
C THR A 145 9.31 6.31 -1.11
N SER A 146 10.35 5.50 -1.32
CA SER A 146 10.96 5.32 -2.63
C SER A 146 11.33 3.87 -2.74
N ALA A 147 10.69 3.16 -3.66
CA ALA A 147 11.08 1.78 -3.92
C ALA A 147 12.49 1.78 -4.54
N LYS A 148 12.89 2.88 -5.20
CA LYS A 148 14.21 2.94 -5.81
C LYS A 148 15.33 2.93 -4.78
N THR A 149 15.20 3.76 -3.72
CA THR A 149 16.25 3.90 -2.71
C THR A 149 16.01 3.10 -1.45
N ARG A 150 14.79 2.58 -1.28
CA ARG A 150 14.31 1.85 -0.10
C ARG A 150 13.79 2.81 0.99
N GLN A 151 13.83 4.13 0.75
CA GLN A 151 13.26 5.08 1.68
C GLN A 151 11.83 4.68 2.07
N GLY A 152 11.57 4.63 3.37
CA GLY A 152 10.26 4.43 3.95
C GLY A 152 9.60 3.09 3.76
N VAL A 153 10.31 2.09 3.18
CA VAL A 153 9.65 0.83 2.87
C VAL A 153 9.24 0.09 4.14
N ASP A 154 10.17 -0.17 5.06
CA ASP A 154 9.81 -0.78 6.34
C ASP A 154 8.85 0.13 7.09
N ASP A 155 9.07 1.45 7.07
CA ASP A 155 8.15 2.34 7.79
C ASP A 155 6.72 2.12 7.31
N ALA A 156 6.50 1.99 5.99
CA ALA A 156 5.13 1.82 5.50
C ALA A 156 4.54 0.47 5.91
N PHE A 157 5.24 -0.63 5.62
CA PHE A 157 4.73 -1.95 5.94
C PHE A 157 4.65 -2.24 7.42
N TYR A 158 5.68 -1.86 8.19
CA TYR A 158 5.67 -2.11 9.63
C TYR A 158 4.65 -1.24 10.34
N THR A 159 4.42 0.00 9.87
CA THR A 159 3.36 0.84 10.46
C THR A 159 2.02 0.16 10.22
N LEU A 160 1.81 -0.42 9.04
CA LEU A 160 0.57 -1.10 8.78
C LEU A 160 0.39 -2.33 9.70
N VAL A 161 1.46 -3.13 9.92
CA VAL A 161 1.41 -4.26 10.83
C VAL A 161 1.07 -3.77 12.24
N ARG A 162 1.72 -2.69 12.71
CA ARG A 162 1.45 -2.16 14.05
C ARG A 162 -0.01 -1.77 14.19
N GLU A 163 -0.61 -1.23 13.13
CA GLU A 163 -2.01 -0.86 13.15
C GLU A 163 -2.91 -2.08 13.24
N ILE A 164 -2.57 -3.17 12.52
CA ILE A 164 -3.37 -4.41 12.59
C ILE A 164 -3.24 -5.01 14.00
N ARG A 165 -2.01 -5.06 14.54
CA ARG A 165 -1.69 -5.59 15.86
C ARG A 165 -2.47 -4.87 16.97
N LYS A 166 -2.64 -3.54 16.82
CA LYS A 166 -3.39 -2.68 17.75
C LYS A 166 -4.87 -3.05 17.74
PB GDP B . 2.66 -0.82 -10.13
O1B GDP B . 2.93 -2.25 -9.62
O2B GDP B . 1.95 -0.82 -11.48
O3B GDP B . 2.01 0.07 -9.10
O3A GDP B . 4.11 -0.16 -10.29
PA GDP B . 5.52 -0.74 -10.75
O1A GDP B . 6.26 -1.33 -9.62
O2A GDP B . 5.30 -1.59 -11.97
O5' GDP B . 6.33 0.57 -11.17
C5' GDP B . 5.80 1.43 -12.19
C4' GDP B . 6.90 2.31 -12.74
O4' GDP B . 7.38 3.19 -11.70
C3' GDP B . 8.13 1.59 -13.28
O3' GDP B . 8.64 2.31 -14.40
C2' GDP B . 9.10 1.62 -12.10
O2' GDP B . 10.46 1.58 -12.50
C1' GDP B . 8.76 2.97 -11.48
N9 GDP B . 9.01 3.07 -10.05
C8 GDP B . 8.43 2.31 -9.05
N7 GDP B . 8.74 2.74 -7.85
C5 GDP B . 9.58 3.82 -8.06
C6 GDP B . 10.24 4.69 -7.15
O6 GDP B . 10.12 4.73 -5.92
N1 GDP B . 11.01 5.64 -7.79
C2 GDP B . 11.12 5.77 -9.14
N2 GDP B . 11.91 6.77 -9.59
N3 GDP B . 10.50 4.99 -10.02
C4 GDP B . 9.77 4.02 -9.41
MG MG C . 2.48 -4.13 -10.32
C4 LXD D . -9.12 0.95 -11.66
C5 LXD D . -8.71 -0.34 -11.33
C6 LXD D . -9.11 -0.83 -10.09
C8 LXD D . -10.19 -0.47 -7.86
C13 LXD D . -9.70 -2.67 -5.10
C15 LXD D . -9.34 -2.83 -2.56
C17 LXD D . -11.45 -3.66 -3.61
C20 LXD D . -12.91 -4.76 -5.29
C22 LXD D . -11.62 -4.08 -7.26
C26 LXD D . -7.62 -0.66 -13.56
C1 LXD D . -9.85 -0.01 -9.23
C12 LXD D . -10.07 -1.61 -6.11
C14 LXD D . -10.81 -3.17 -2.34
C16 LXD D . -9.16 -1.99 -3.82
C18 LXD D . -10.98 -3.47 -4.86
C19 LXD D . -11.81 -4.12 -5.85
C25 LXD D . -8.64 -3.59 -5.72
C27 LXD D . -7.06 -1.81 -14.39
C29 LXD D . -5.83 -2.37 -12.33
C3 LXD D . -9.91 1.69 -10.78
C30 LXD D . -7.27 -2.37 -11.82
C32 LXD D . -9.95 3.56 -12.39
C33 LXD D . -11.15 4.28 -13.00
C35 LXD D . -12.22 4.55 -10.79
C36 LXD D . -11.05 3.78 -10.11
C37 LXD D . -12.85 6.04 -12.66
C38 LXD D . -10.09 4.70 -9.35
C39 LXD D . -4.77 -2.70 -14.59
C40 LXD D . -3.51 -3.14 -13.93
C42 LXD D . -2.45 -2.29 -13.82
N10 LXD D . -11.08 0.10 -7.09
N2 LXD D . -10.25 1.24 -9.56
N23 LXD D . -11.51 -4.10 -8.40
N24 LXD D . -13.88 -5.46 -5.90
N28 LXD D . -5.81 -2.31 -13.80
N31 LXD D . -10.34 2.95 -11.10
N34 LXD D . -11.75 5.25 -12.03
N7 LXD D . -7.96 -1.12 -12.21
N9 LXD D . -9.56 -1.54 -7.29
O11 LXD D . -11.00 -0.68 -5.88
O41 LXD D . -4.84 -2.62 -15.82
S21 LXD D . -12.89 -4.61 -3.56
#